data_4YA6
#
_entry.id   4YA6
#
_cell.length_a   79.229
_cell.length_b   79.229
_cell.length_c   72.185
_cell.angle_alpha   90.00
_cell.angle_beta   90.00
_cell.angle_gamma   120.00
#
_symmetry.space_group_name_H-M   'P 32 2 1'
#
loop_
_entity.id
_entity.type
_entity.pdbx_description
1 polymer 'C alpha-dehydrogenase'
2 water water
#
_entity_poly.entity_id   1
_entity_poly.type   'polypeptide(L)'
_entity_poly.pdbx_seq_one_letter_code
;MQDLEGKVAFVTGGGSGVALGQAKVLAEEAQMKVVIADIRQDHLDEAMGYFSQKNVAVHPVRLDLTDRAAYAAAVDEAEQ
VFGPVDLLCNTAGVSQFGPIEKATFDDWDWQMDVNVNGVINGVMTVMPRMIERGQGGHILITASMSAFVALPTTGIYCTT
KYAVRGLAESLRVEMPKYNIGVSLLCPGGVNTNIHRSVEARPEKYGNTGYYGRDEAVFAGLKRVIEHGFDPVDLGRVVLD
AVRNDRFWVLPYPEFAEGQKARDQEVIDAMMSYADHPDYARRMKIREQMKRDMPGSD
;
_entity_poly.pdbx_strand_id   A
#
# COMPACT_ATOMS: atom_id res chain seq x y z
N MET A 1 -5.06 -5.20 13.95
CA MET A 1 -6.49 -5.61 14.05
C MET A 1 -6.61 -7.10 14.39
N GLN A 2 -7.40 -7.41 15.40
CA GLN A 2 -7.54 -8.77 15.90
C GLN A 2 -8.91 -9.36 15.57
N ASP A 3 -9.07 -10.66 15.86
CA ASP A 3 -10.33 -11.36 15.68
C ASP A 3 -10.85 -11.22 14.24
N LEU A 4 -10.03 -11.62 13.28
CA LEU A 4 -10.34 -11.41 11.87
C LEU A 4 -11.46 -12.32 11.36
N GLU A 5 -11.70 -13.44 12.03
CA GLU A 5 -12.70 -14.39 11.56
C GLU A 5 -14.07 -13.73 11.46
N GLY A 6 -14.67 -13.81 10.28
CA GLY A 6 -15.99 -13.26 10.04
C GLY A 6 -15.98 -11.80 9.61
N LYS A 7 -14.85 -11.13 9.80
CA LYS A 7 -14.74 -9.73 9.40
C LYS A 7 -14.57 -9.63 7.89
N VAL A 8 -14.83 -8.45 7.35
CA VAL A 8 -14.94 -8.27 5.91
C VAL A 8 -13.70 -7.58 5.32
N ALA A 9 -13.14 -8.21 4.29
CA ALA A 9 -11.99 -7.65 3.59
C ALA A 9 -12.37 -7.28 2.15
N PHE A 10 -11.83 -6.16 1.69
CA PHE A 10 -12.05 -5.68 0.33
C PHE A 10 -10.70 -5.55 -0.37
N VAL A 11 -10.48 -6.39 -1.37
CA VAL A 11 -9.17 -6.51 -2.01
C VAL A 11 -9.23 -6.12 -3.49
N THR A 12 -8.62 -4.99 -3.83
CA THR A 12 -8.56 -4.55 -5.22
C THR A 12 -7.51 -5.33 -6.01
N GLY A 13 -7.81 -5.59 -7.28
CA GLY A 13 -6.95 -6.40 -8.12
C GLY A 13 -6.96 -7.85 -7.72
N GLY A 14 -7.95 -8.24 -6.91
CA GLY A 14 -7.97 -9.52 -6.23
C GLY A 14 -8.08 -10.75 -7.11
N GLY A 15 -8.22 -10.55 -8.43
CA GLY A 15 -8.35 -11.65 -9.36
C GLY A 15 -7.04 -12.29 -9.75
N SER A 16 -5.92 -11.65 -9.41
CA SER A 16 -4.61 -12.17 -9.80
C SER A 16 -3.46 -11.56 -9.01
N GLY A 17 -2.28 -12.14 -9.18
CA GLY A 17 -1.04 -11.58 -8.64
C GLY A 17 -0.98 -11.50 -7.12
N VAL A 18 -0.27 -10.49 -6.64
CA VAL A 18 -0.10 -10.26 -5.21
C VAL A 18 -1.45 -10.17 -4.50
N ALA A 19 -2.40 -9.47 -5.13
CA ALA A 19 -3.71 -9.25 -4.52
C ALA A 19 -4.46 -10.57 -4.34
N LEU A 20 -4.36 -11.46 -5.31
CA LEU A 20 -5.01 -12.76 -5.20
C LEU A 20 -4.40 -13.54 -4.05
N GLY A 21 -3.09 -13.44 -3.89
CA GLY A 21 -2.39 -14.07 -2.78
C GLY A 21 -2.93 -13.57 -1.45
N GLN A 22 -3.16 -12.26 -1.36
CA GLN A 22 -3.73 -11.67 -0.16
C GLN A 22 -5.13 -12.21 0.09
N ALA A 23 -5.94 -12.24 -0.97
CA ALA A 23 -7.32 -12.72 -0.87
C ALA A 23 -7.38 -14.17 -0.39
N LYS A 24 -6.49 -15.00 -0.93
CA LYS A 24 -6.44 -16.42 -0.56
C LYS A 24 -6.17 -16.60 0.94
N VAL A 25 -5.17 -15.90 1.44
CA VAL A 25 -4.76 -16.03 2.84
C VAL A 25 -5.82 -15.49 3.79
N LEU A 26 -6.44 -14.38 3.43
CA LEU A 26 -7.45 -13.77 4.28
C LEU A 26 -8.71 -14.62 4.32
N ALA A 27 -9.04 -15.26 3.20
CA ALA A 27 -10.27 -16.04 3.09
C ALA A 27 -10.12 -17.45 3.68
N GLU A 28 -8.94 -18.04 3.52
CA GLU A 28 -8.73 -19.42 3.96
C GLU A 28 -8.22 -19.48 5.40
N GLU A 29 -7.04 -18.91 5.64
CA GLU A 29 -6.42 -18.96 6.96
C GLU A 29 -7.18 -18.08 7.96
N ALA A 30 -7.26 -16.79 7.67
CA ALA A 30 -7.89 -15.83 8.58
C ALA A 30 -9.41 -16.00 8.61
N GLN A 31 -9.94 -16.72 7.63
CA GLN A 31 -11.38 -16.99 7.55
C GLN A 31 -12.20 -15.69 7.53
N MET A 32 -11.70 -14.69 6.82
CA MET A 32 -12.45 -13.45 6.61
C MET A 32 -13.45 -13.65 5.48
N LYS A 33 -14.46 -12.78 5.44
CA LYS A 33 -15.34 -12.71 4.29
C LYS A 33 -14.70 -11.72 3.31
N VAL A 34 -14.27 -12.23 2.17
CA VAL A 34 -13.43 -11.44 1.26
C VAL A 34 -14.17 -11.07 -0.02
N VAL A 35 -14.18 -9.78 -0.31
CA VAL A 35 -14.63 -9.28 -1.61
C VAL A 35 -13.41 -9.04 -2.48
N ILE A 36 -13.36 -9.70 -3.64
CA ILE A 36 -12.29 -9.46 -4.59
C ILE A 36 -12.82 -8.58 -5.72
N ALA A 37 -12.19 -7.42 -5.88
CA ALA A 37 -12.57 -6.46 -6.91
C ALA A 37 -11.49 -6.42 -7.99
N ASP A 38 -11.90 -6.65 -9.24
CA ASP A 38 -10.97 -6.71 -10.35
C ASP A 38 -11.66 -6.16 -11.60
N ILE A 39 -10.90 -5.52 -12.48
CA ILE A 39 -11.49 -4.92 -13.66
C ILE A 39 -11.84 -5.99 -14.71
N ARG A 40 -11.09 -7.09 -14.71
CA ARG A 40 -11.26 -8.14 -15.71
C ARG A 40 -12.12 -9.31 -15.22
N GLN A 41 -13.16 -9.61 -15.98
CA GLN A 41 -14.11 -10.66 -15.61
C GLN A 41 -13.47 -12.04 -15.63
N ASP A 42 -12.60 -12.28 -16.59
CA ASP A 42 -11.99 -13.60 -16.73
C ASP A 42 -11.07 -13.90 -15.55
N HIS A 43 -10.39 -12.88 -15.04
CA HIS A 43 -9.54 -13.04 -13.86
C HIS A 43 -10.40 -13.34 -12.63
N LEU A 44 -11.55 -12.67 -12.54
CA LEU A 44 -12.52 -12.95 -11.49
C LEU A 44 -12.98 -14.39 -11.57
N ASP A 45 -13.35 -14.84 -12.77
CA ASP A 45 -13.83 -16.19 -12.98
C ASP A 45 -12.77 -17.22 -12.57
N GLU A 46 -11.52 -16.96 -12.91
CA GLU A 46 -10.42 -17.86 -12.57
C GLU A 46 -10.27 -18.00 -11.06
N ALA A 47 -10.24 -16.86 -10.37
CA ALA A 47 -10.12 -16.86 -8.91
C ALA A 47 -11.29 -17.61 -8.27
N MET A 48 -12.50 -17.37 -8.76
CA MET A 48 -13.67 -18.04 -8.23
C MET A 48 -13.68 -19.52 -8.57
N GLY A 49 -12.99 -19.88 -9.65
CA GLY A 49 -12.79 -21.28 -9.96
C GLY A 49 -12.02 -21.95 -8.84
N TYR A 50 -11.05 -21.21 -8.30
CA TYR A 50 -10.24 -21.70 -7.19
C TYR A 50 -11.03 -21.72 -5.89
N PHE A 51 -11.68 -20.61 -5.56
CA PHE A 51 -12.36 -20.47 -4.29
C PHE A 51 -13.60 -21.37 -4.19
N SER A 52 -14.18 -21.72 -5.33
CA SER A 52 -15.33 -22.61 -5.34
C SER A 52 -14.96 -24.02 -4.86
N GLN A 53 -13.66 -24.29 -4.78
CA GLN A 53 -13.15 -25.59 -4.33
C GLN A 53 -12.60 -25.52 -2.90
N LYS A 54 -12.88 -24.40 -2.22
CA LYS A 54 -12.43 -24.21 -0.85
C LYS A 54 -13.62 -23.83 0.03
N ASN A 55 -13.50 -24.05 1.33
CA ASN A 55 -14.53 -23.62 2.25
C ASN A 55 -14.28 -22.19 2.69
N VAL A 56 -14.72 -21.26 1.84
CA VAL A 56 -14.46 -19.85 2.05
C VAL A 56 -15.72 -19.03 1.77
N ALA A 57 -15.67 -17.77 2.20
CA ALA A 57 -16.70 -16.79 1.88
C ALA A 57 -16.08 -15.71 1.01
N VAL A 58 -16.21 -15.86 -0.31
CA VAL A 58 -15.62 -14.93 -1.26
C VAL A 58 -16.66 -14.47 -2.26
N HIS A 59 -16.73 -13.15 -2.47
CA HIS A 59 -17.67 -12.55 -3.40
C HIS A 59 -16.94 -11.71 -4.44
N PRO A 60 -17.10 -12.05 -5.73
CA PRO A 60 -16.45 -11.26 -6.77
C PRO A 60 -17.27 -10.03 -7.17
N VAL A 61 -16.58 -8.96 -7.56
CA VAL A 61 -17.23 -7.79 -8.13
C VAL A 61 -16.31 -7.20 -9.19
N ARG A 62 -16.84 -7.00 -10.40
CA ARG A 62 -16.04 -6.41 -11.46
C ARG A 62 -16.01 -4.90 -11.27
N LEU A 63 -14.80 -4.35 -11.15
CA LEU A 63 -14.64 -2.94 -10.80
C LEU A 63 -13.44 -2.30 -11.49
N ASP A 64 -13.68 -1.18 -12.15
CA ASP A 64 -12.63 -0.28 -12.59
C ASP A 64 -12.39 0.73 -11.48
N LEU A 65 -11.30 0.58 -10.74
CA LEU A 65 -11.12 1.35 -9.51
C LEU A 65 -10.84 2.83 -9.78
N THR A 66 -10.65 3.19 -11.05
CA THR A 66 -10.51 4.60 -11.43
C THR A 66 -11.89 5.26 -11.57
N ASP A 67 -12.94 4.43 -11.51
CA ASP A 67 -14.32 4.92 -11.57
C ASP A 67 -14.84 5.09 -10.15
N ARG A 68 -14.89 6.34 -9.70
CA ARG A 68 -15.27 6.64 -8.31
C ARG A 68 -16.70 6.22 -7.98
N ALA A 69 -17.62 6.45 -8.92
CA ALA A 69 -19.01 6.06 -8.71
C ALA A 69 -19.13 4.55 -8.59
N ALA A 70 -18.44 3.82 -9.46
CA ALA A 70 -18.48 2.37 -9.46
C ALA A 70 -17.84 1.81 -8.18
N TYR A 71 -16.78 2.47 -7.72
CA TYR A 71 -16.09 2.03 -6.51
C TYR A 71 -17.05 2.12 -5.31
N ALA A 72 -17.75 3.24 -5.20
CA ALA A 72 -18.73 3.40 -4.13
C ALA A 72 -19.81 2.33 -4.22
N ALA A 73 -20.23 2.01 -5.44
CA ALA A 73 -21.25 0.99 -5.65
C ALA A 73 -20.72 -0.39 -5.25
N ALA A 74 -19.45 -0.66 -5.56
CA ALA A 74 -18.85 -1.94 -5.24
C ALA A 74 -18.77 -2.14 -3.73
N VAL A 75 -18.46 -1.05 -3.01
CA VAL A 75 -18.38 -1.13 -1.56
C VAL A 75 -19.78 -1.26 -0.97
N ASP A 76 -20.76 -0.59 -1.57
CA ASP A 76 -22.16 -0.79 -1.16
C ASP A 76 -22.53 -2.25 -1.29
N GLU A 77 -22.14 -2.83 -2.42
CA GLU A 77 -22.42 -4.24 -2.70
C GLU A 77 -21.77 -5.13 -1.63
N ALA A 78 -20.55 -4.79 -1.25
CA ALA A 78 -19.84 -5.52 -0.21
C ALA A 78 -20.62 -5.49 1.10
N GLU A 79 -21.19 -4.34 1.41
CA GLU A 79 -21.95 -4.16 2.64
C GLU A 79 -23.25 -4.97 2.63
N GLN A 80 -23.86 -5.09 1.46
CA GLN A 80 -25.11 -5.83 1.33
C GLN A 80 -24.88 -7.33 1.38
N VAL A 81 -23.78 -7.79 0.79
CA VAL A 81 -23.48 -9.21 0.73
C VAL A 81 -22.89 -9.72 2.05
N PHE A 82 -21.94 -8.98 2.61
CA PHE A 82 -21.25 -9.40 3.81
C PHE A 82 -21.47 -8.46 4.99
N GLY A 83 -21.18 -7.18 4.78
CA GLY A 83 -21.25 -6.19 5.84
C GLY A 83 -20.17 -5.14 5.66
N PRO A 84 -20.05 -4.20 6.61
CA PRO A 84 -19.09 -3.10 6.50
C PRO A 84 -17.66 -3.59 6.37
N VAL A 85 -16.89 -2.94 5.50
CA VAL A 85 -15.50 -3.30 5.27
C VAL A 85 -14.67 -3.05 6.53
N ASP A 86 -13.99 -4.09 7.00
CA ASP A 86 -13.09 -3.98 8.13
C ASP A 86 -11.65 -3.78 7.69
N LEU A 87 -11.27 -4.46 6.61
CA LEU A 87 -9.91 -4.40 6.07
C LEU A 87 -9.95 -4.04 4.59
N LEU A 88 -9.36 -2.89 4.25
CA LEU A 88 -9.22 -2.48 2.86
C LEU A 88 -7.81 -2.75 2.38
N CYS A 89 -7.68 -3.55 1.33
CA CYS A 89 -6.40 -3.83 0.70
C CYS A 89 -6.31 -3.14 -0.65
N ASN A 90 -5.60 -2.01 -0.69
CA ASN A 90 -5.35 -1.30 -1.94
C ASN A 90 -4.12 -1.89 -2.61
N THR A 91 -4.32 -2.94 -3.40
CA THR A 91 -3.21 -3.73 -3.91
C THR A 91 -3.14 -3.74 -5.43
N ALA A 92 -4.22 -3.32 -6.09
CA ALA A 92 -4.22 -3.20 -7.54
C ALA A 92 -3.10 -2.28 -7.99
N GLY A 93 -2.54 -2.55 -9.16
CA GLY A 93 -1.46 -1.73 -9.69
C GLY A 93 -1.06 -2.15 -11.09
N VAL A 94 -0.56 -1.18 -11.85
CA VAL A 94 -0.05 -1.42 -13.19
C VAL A 94 1.35 -0.86 -13.32
N SER A 95 2.07 -1.28 -14.36
CA SER A 95 3.40 -0.76 -14.62
C SER A 95 3.76 -0.90 -16.09
N GLN A 96 4.34 0.16 -16.64
CA GLN A 96 4.91 0.12 -17.98
C GLN A 96 6.20 0.92 -17.98
N PHE A 97 7.31 0.23 -18.22
CA PHE A 97 8.63 0.84 -18.10
C PHE A 97 9.16 1.32 -19.45
N GLY A 98 10.04 2.31 -19.40
CA GLY A 98 10.66 2.85 -20.59
C GLY A 98 11.39 4.14 -20.27
N PRO A 99 12.27 4.59 -21.16
CA PRO A 99 12.99 5.85 -20.94
C PRO A 99 12.02 7.00 -20.71
N ILE A 100 12.30 7.83 -19.71
CA ILE A 100 11.33 8.84 -19.31
C ILE A 100 11.11 9.86 -20.43
N GLU A 101 12.14 10.11 -21.23
CA GLU A 101 12.03 11.11 -22.29
C GLU A 101 11.13 10.63 -23.43
N LYS A 102 10.79 9.34 -23.42
CA LYS A 102 9.93 8.75 -24.46
C LYS A 102 8.50 8.57 -23.96
N ALA A 103 8.27 8.83 -22.68
CA ALA A 103 6.94 8.67 -22.09
C ALA A 103 5.94 9.65 -22.70
N THR A 104 4.72 9.18 -22.91
CA THR A 104 3.63 10.02 -23.40
C THR A 104 2.78 10.50 -22.23
N PHE A 105 1.96 11.52 -22.46
CA PHE A 105 1.03 11.95 -21.42
C PHE A 105 0.01 10.85 -21.13
N ASP A 106 -0.34 10.06 -22.14
CA ASP A 106 -1.25 8.93 -21.93
C ASP A 106 -0.62 7.88 -21.03
N ASP A 107 0.70 7.68 -21.17
CA ASP A 107 1.43 6.76 -20.30
C ASP A 107 1.35 7.23 -18.85
N TRP A 108 1.58 8.53 -18.66
CA TRP A 108 1.50 9.13 -17.34
C TRP A 108 0.11 8.99 -16.73
N ASP A 109 -0.89 9.45 -17.48
CA ASP A 109 -2.27 9.50 -16.97
C ASP A 109 -2.79 8.11 -16.59
N TRP A 110 -2.47 7.12 -17.42
CA TRP A 110 -2.95 5.76 -17.17
C TRP A 110 -2.40 5.21 -15.85
N GLN A 111 -1.08 5.27 -15.68
CA GLN A 111 -0.46 4.72 -14.48
C GLN A 111 -0.78 5.54 -13.24
N MET A 112 -0.88 6.86 -13.42
CA MET A 112 -1.27 7.74 -12.32
C MET A 112 -2.69 7.43 -11.84
N ASP A 113 -3.60 7.20 -12.79
CA ASP A 113 -5.00 6.98 -12.44
C ASP A 113 -5.16 5.68 -11.67
N VAL A 114 -4.55 4.61 -12.16
CA VAL A 114 -4.68 3.31 -11.49
C VAL A 114 -3.91 3.27 -10.18
N ASN A 115 -2.63 3.63 -10.22
CA ASN A 115 -1.76 3.44 -9.05
C ASN A 115 -1.99 4.45 -7.94
N VAL A 116 -2.32 5.69 -8.31
CA VAL A 116 -2.51 6.73 -7.29
C VAL A 116 -3.99 7.01 -7.06
N ASN A 117 -4.72 7.39 -8.10
CA ASN A 117 -6.14 7.68 -7.92
C ASN A 117 -6.91 6.43 -7.49
N GLY A 118 -6.47 5.26 -7.94
CA GLY A 118 -7.09 4.02 -7.54
C GLY A 118 -7.04 3.83 -6.03
N VAL A 119 -5.89 4.18 -5.45
CA VAL A 119 -5.71 4.06 -4.01
C VAL A 119 -6.46 5.18 -3.29
N ILE A 120 -6.39 6.39 -3.82
CA ILE A 120 -7.12 7.51 -3.26
C ILE A 120 -8.62 7.20 -3.25
N ASN A 121 -9.12 6.68 -4.36
CA ASN A 121 -10.53 6.37 -4.50
C ASN A 121 -11.02 5.36 -3.45
N GLY A 122 -10.21 4.33 -3.21
CA GLY A 122 -10.55 3.32 -2.23
C GLY A 122 -10.54 3.87 -0.82
N VAL A 123 -9.48 4.59 -0.49
CA VAL A 123 -9.36 5.20 0.83
C VAL A 123 -10.52 6.17 1.08
N MET A 124 -10.81 7.03 0.11
CA MET A 124 -11.84 8.04 0.31
C MET A 124 -13.26 7.43 0.29
N THR A 125 -13.39 6.26 -0.31
CA THR A 125 -14.70 5.58 -0.35
C THR A 125 -14.97 4.84 0.96
N VAL A 126 -13.94 4.20 1.50
CA VAL A 126 -14.11 3.28 2.62
C VAL A 126 -13.80 3.90 3.98
N MET A 127 -12.76 4.71 4.05
CA MET A 127 -12.26 5.20 5.33
C MET A 127 -13.29 6.08 6.07
N PRO A 128 -14.00 6.95 5.34
CA PRO A 128 -15.06 7.71 6.04
C PRO A 128 -16.17 6.81 6.58
N ARG A 129 -16.42 5.68 5.93
CA ARG A 129 -17.42 4.74 6.42
C ARG A 129 -16.93 4.06 7.69
N MET A 130 -15.65 3.70 7.71
CA MET A 130 -15.04 3.12 8.90
C MET A 130 -15.17 4.05 10.09
N ILE A 131 -14.84 5.32 9.88
CA ILE A 131 -14.89 6.31 10.95
C ILE A 131 -16.32 6.51 11.44
N GLU A 132 -17.26 6.60 10.50
CA GLU A 132 -18.66 6.78 10.82
C GLU A 132 -19.20 5.62 11.66
N ARG A 133 -18.75 4.42 11.34
CA ARG A 133 -19.21 3.21 12.02
C ARG A 133 -18.68 3.15 13.46
N GLY A 134 -17.46 3.63 13.65
CA GLY A 134 -16.88 3.71 14.98
C GLY A 134 -16.49 2.36 15.55
N GLN A 135 -16.11 1.43 14.68
CA GLN A 135 -15.66 0.11 15.10
C GLN A 135 -14.22 -0.13 14.64
N GLY A 136 -13.52 0.94 14.31
CA GLY A 136 -12.15 0.83 13.84
C GLY A 136 -12.08 0.11 12.51
N GLY A 137 -10.88 -0.36 12.16
CA GLY A 137 -10.65 -1.02 10.89
C GLY A 137 -9.18 -1.06 10.57
N HIS A 138 -8.85 -1.35 9.31
CA HIS A 138 -7.47 -1.41 8.88
C HIS A 138 -7.36 -1.10 7.40
N ILE A 139 -6.32 -0.37 7.02
CA ILE A 139 -6.08 -0.01 5.64
C ILE A 139 -4.69 -0.45 5.22
N LEU A 140 -4.64 -1.35 4.23
CA LEU A 140 -3.39 -1.76 3.62
C LEU A 140 -3.20 -1.04 2.30
N ILE A 141 -2.02 -0.48 2.11
CA ILE A 141 -1.62 0.07 0.83
C ILE A 141 -0.41 -0.71 0.36
N THR A 142 -0.53 -1.33 -0.81
CA THR A 142 0.58 -2.03 -1.43
C THR A 142 1.27 -1.10 -2.42
N ALA A 143 2.47 -0.66 -2.06
CA ALA A 143 3.26 0.18 -2.93
C ALA A 143 4.30 -0.67 -3.66
N SER A 144 5.57 -0.48 -3.33
CA SER A 144 6.67 -1.12 -4.04
C SER A 144 7.97 -0.65 -3.43
N MET A 145 9.04 -1.42 -3.62
CA MET A 145 10.38 -0.95 -3.28
C MET A 145 10.74 0.25 -4.14
N SER A 146 9.99 0.44 -5.23
CA SER A 146 10.15 1.63 -6.07
C SER A 146 9.69 2.90 -5.35
N ALA A 147 9.09 2.74 -4.16
CA ALA A 147 8.75 3.88 -3.31
C ALA A 147 9.95 4.31 -2.48
N PHE A 148 11.09 3.64 -2.70
CA PHE A 148 12.33 3.97 -2.01
C PHE A 148 13.50 4.09 -2.99
N VAL A 149 13.39 3.40 -4.13
CA VAL A 149 14.52 3.27 -5.05
C VAL A 149 14.11 3.59 -6.49
N ALA A 150 14.63 4.70 -7.00
CA ALA A 150 14.47 5.04 -8.41
C ALA A 150 15.41 4.18 -9.25
N LEU A 151 14.94 3.77 -10.42
CA LEU A 151 15.70 2.89 -11.31
C LEU A 151 15.53 3.36 -12.76
N PRO A 152 16.50 3.03 -13.63
CA PRO A 152 16.33 3.32 -15.05
C PRO A 152 15.05 2.72 -15.62
N THR A 153 14.30 3.54 -16.35
CA THR A 153 13.06 3.15 -17.04
C THR A 153 11.82 2.99 -16.14
N THR A 154 11.96 3.24 -14.83
CA THR A 154 10.81 3.11 -13.92
C THR A 154 10.29 4.46 -13.42
N GLY A 155 10.55 5.51 -14.18
CA GLY A 155 10.23 6.87 -13.77
C GLY A 155 8.78 7.11 -13.39
N ILE A 156 7.85 6.73 -14.27
CA ILE A 156 6.44 6.92 -13.99
C ILE A 156 6.02 6.06 -12.80
N TYR A 157 6.35 4.78 -12.85
CA TYR A 157 6.02 3.84 -11.81
C TYR A 157 6.50 4.30 -10.45
N CYS A 158 7.77 4.69 -10.40
CA CYS A 158 8.40 5.22 -9.19
C CYS A 158 7.61 6.40 -8.64
N THR A 159 7.22 7.32 -9.52
CA THR A 159 6.47 8.49 -9.10
C THR A 159 5.15 8.09 -8.43
N THR A 160 4.46 7.09 -9.00
CA THR A 160 3.17 6.69 -8.45
C THR A 160 3.31 5.98 -7.11
N LYS A 161 4.40 5.24 -6.93
CA LYS A 161 4.59 4.47 -5.71
C LYS A 161 5.10 5.34 -4.57
N TYR A 162 5.92 6.35 -4.90
CA TYR A 162 6.27 7.36 -3.92
C TYR A 162 5.01 8.07 -3.43
N ALA A 163 4.12 8.37 -4.36
CA ALA A 163 2.88 9.08 -4.04
C ALA A 163 2.07 8.33 -3.00
N VAL A 164 1.81 7.05 -3.23
CA VAL A 164 0.97 6.29 -2.32
C VAL A 164 1.72 6.00 -1.02
N ARG A 165 3.04 6.04 -1.06
CA ARG A 165 3.82 5.93 0.16
C ARG A 165 3.54 7.16 1.04
N GLY A 166 3.51 8.33 0.43
CA GLY A 166 3.18 9.55 1.14
C GLY A 166 1.77 9.50 1.72
N LEU A 167 0.83 9.00 0.94
CA LEU A 167 -0.54 8.84 1.40
C LEU A 167 -0.59 7.90 2.59
N ALA A 168 0.15 6.80 2.51
CA ALA A 168 0.19 5.82 3.59
C ALA A 168 0.76 6.43 4.87
N GLU A 169 1.86 7.17 4.75
CA GLU A 169 2.46 7.79 5.93
C GLU A 169 1.55 8.89 6.49
N SER A 170 0.71 9.47 5.64
CA SER A 170 -0.25 10.48 6.07
C SER A 170 -1.39 9.84 6.84
N LEU A 171 -1.90 8.73 6.32
CA LEU A 171 -2.93 7.95 7.01
C LEU A 171 -2.42 7.50 8.38
N ARG A 172 -1.15 7.12 8.41
CA ARG A 172 -0.53 6.61 9.64
C ARG A 172 -0.64 7.60 10.79
N VAL A 173 -0.65 8.89 10.46
CA VAL A 173 -0.73 9.95 11.47
C VAL A 173 -2.15 10.15 11.98
N GLU A 174 -3.12 10.14 11.07
CA GLU A 174 -4.48 10.59 11.40
C GLU A 174 -5.46 9.47 11.73
N MET A 175 -5.13 8.23 11.37
CA MET A 175 -6.06 7.12 11.55
C MET A 175 -6.07 6.50 12.96
N PRO A 176 -4.94 6.49 13.67
CA PRO A 176 -4.94 5.82 14.99
C PRO A 176 -5.99 6.33 15.97
N LYS A 177 -6.34 7.61 15.91
CA LYS A 177 -7.32 8.17 16.83
C LYS A 177 -8.72 7.61 16.56
N TYR A 178 -8.89 6.98 15.40
CA TYR A 178 -10.15 6.33 15.04
C TYR A 178 -10.03 4.81 15.16
N ASN A 179 -8.95 4.34 15.80
CA ASN A 179 -8.68 2.92 15.94
C ASN A 179 -8.63 2.20 14.58
N ILE A 180 -8.12 2.92 13.58
CA ILE A 180 -7.93 2.36 12.24
C ILE A 180 -6.44 2.17 11.98
N GLY A 181 -6.03 0.92 11.79
CA GLY A 181 -4.64 0.60 11.54
C GLY A 181 -4.25 0.91 10.10
N VAL A 182 -2.94 1.08 9.88
CA VAL A 182 -2.42 1.35 8.54
C VAL A 182 -1.16 0.54 8.32
N SER A 183 -1.10 -0.13 7.17
CA SER A 183 0.07 -0.90 6.78
C SER A 183 0.50 -0.53 5.37
N LEU A 184 1.81 -0.43 5.18
CA LEU A 184 2.38 -0.14 3.87
C LEU A 184 3.30 -1.28 3.44
N LEU A 185 2.85 -2.02 2.43
CA LEU A 185 3.61 -3.16 1.90
C LEU A 185 4.39 -2.76 0.66
N CYS A 186 5.69 -3.10 0.66
CA CYS A 186 6.55 -2.82 -0.49
C CYS A 186 7.16 -4.13 -1.02
N PRO A 187 6.46 -4.80 -1.94
CA PRO A 187 6.98 -6.05 -2.51
C PRO A 187 8.16 -5.83 -3.45
N GLY A 188 8.13 -4.74 -4.20
CA GLY A 188 9.09 -4.49 -5.26
C GLY A 188 8.39 -4.46 -6.60
N GLY A 189 8.97 -5.15 -7.58
CA GLY A 189 8.39 -5.22 -8.91
C GLY A 189 8.91 -6.42 -9.69
N GLU A 215 23.65 1.51 -8.02
CA GLU A 215 23.33 0.16 -7.56
C GLU A 215 22.74 -0.71 -8.66
N ALA A 216 23.60 -1.49 -9.32
CA ALA A 216 23.14 -2.67 -10.04
C ALA A 216 23.03 -3.80 -9.01
N VAL A 217 23.58 -3.55 -7.83
CA VAL A 217 23.48 -4.43 -6.69
C VAL A 217 22.03 -4.63 -6.27
N PHE A 218 21.26 -3.54 -6.26
CA PHE A 218 19.86 -3.60 -5.89
C PHE A 218 19.09 -4.51 -6.85
N ALA A 219 19.39 -4.37 -8.14
CA ALA A 219 18.75 -5.19 -9.17
C ALA A 219 19.04 -6.66 -8.93
N GLY A 220 20.31 -6.97 -8.65
CA GLY A 220 20.72 -8.34 -8.41
C GLY A 220 20.08 -8.93 -7.17
N LEU A 221 19.93 -8.12 -6.13
CA LEU A 221 19.30 -8.56 -4.90
C LEU A 221 17.80 -8.76 -5.10
N LYS A 222 17.18 -7.87 -5.86
CA LYS A 222 15.74 -7.95 -6.10
C LYS A 222 15.41 -9.15 -6.99
N ARG A 223 16.31 -9.49 -7.89
CA ARG A 223 16.09 -10.61 -8.81
C ARG A 223 16.01 -11.94 -8.07
N VAL A 224 16.83 -12.10 -7.04
CA VAL A 224 16.79 -13.30 -6.21
C VAL A 224 15.49 -13.33 -5.42
N ILE A 225 15.02 -12.17 -4.99
CA ILE A 225 13.73 -12.06 -4.32
C ILE A 225 12.62 -12.43 -5.29
N GLU A 226 12.73 -11.94 -6.52
CA GLU A 226 11.75 -12.25 -7.56
C GLU A 226 11.66 -13.76 -7.79
N HIS A 227 12.80 -14.43 -7.72
CA HIS A 227 12.87 -15.86 -7.99
C HIS A 227 12.17 -16.70 -6.92
N GLY A 228 12.22 -16.22 -5.68
CA GLY A 228 11.64 -16.94 -4.56
C GLY A 228 10.25 -16.44 -4.18
N PHE A 229 9.85 -15.33 -4.79
CA PHE A 229 8.58 -14.70 -4.47
C PHE A 229 7.38 -15.63 -4.66
N ASP A 230 6.46 -15.60 -3.71
CA ASP A 230 5.21 -16.35 -3.78
C ASP A 230 4.07 -15.50 -3.23
N PRO A 231 2.98 -15.34 -4.01
CA PRO A 231 1.89 -14.48 -3.54
C PRO A 231 1.26 -14.92 -2.22
N VAL A 232 1.17 -16.22 -1.98
CA VAL A 232 0.58 -16.72 -0.74
C VAL A 232 1.50 -16.44 0.44
N ASP A 233 2.80 -16.66 0.25
CA ASP A 233 3.77 -16.38 1.30
C ASP A 233 3.76 -14.90 1.65
N LEU A 234 3.71 -14.05 0.64
CA LEU A 234 3.65 -12.61 0.86
C LEU A 234 2.32 -12.23 1.50
N GLY A 235 1.29 -13.03 1.22
CA GLY A 235 -0.02 -12.84 1.82
C GLY A 235 0.01 -13.11 3.32
N ARG A 236 0.82 -14.07 3.73
CA ARG A 236 0.95 -14.41 5.14
C ARG A 236 1.76 -13.34 5.88
N VAL A 237 2.68 -12.69 5.17
CA VAL A 237 3.42 -11.56 5.73
C VAL A 237 2.45 -10.42 6.02
N VAL A 238 1.55 -10.16 5.08
CA VAL A 238 0.56 -9.12 5.25
C VAL A 238 -0.35 -9.44 6.43
N LEU A 239 -0.82 -10.68 6.49
CA LEU A 239 -1.69 -11.12 7.57
C LEU A 239 -1.05 -10.85 8.92
N ASP A 240 0.23 -11.22 9.03
CA ASP A 240 0.99 -11.01 10.25
C ASP A 240 1.08 -9.52 10.60
N ALA A 241 1.26 -8.69 9.58
CA ALA A 241 1.37 -7.25 9.79
C ALA A 241 0.05 -6.65 10.25
N VAL A 242 -1.06 -7.12 9.68
CA VAL A 242 -2.38 -6.64 10.05
C VAL A 242 -2.69 -6.99 11.50
N ARG A 243 -2.44 -8.25 11.85
CA ARG A 243 -2.72 -8.73 13.21
C ARG A 243 -1.94 -7.96 14.26
N ASN A 244 -0.70 -7.63 13.96
CA ASN A 244 0.18 -6.95 14.90
C ASN A 244 0.25 -5.45 14.65
N ASP A 245 -0.56 -4.98 13.71
CA ASP A 245 -0.69 -3.55 13.41
C ASP A 245 0.66 -2.91 13.10
N ARG A 246 1.40 -3.52 12.18
CA ARG A 246 2.69 -2.99 11.74
C ARG A 246 2.51 -2.11 10.51
N PHE A 247 3.17 -0.96 10.51
CA PHE A 247 3.09 -0.05 9.37
C PHE A 247 4.07 -0.43 8.27
N TRP A 248 5.36 -0.44 8.60
CA TRP A 248 6.39 -0.76 7.62
C TRP A 248 6.46 -2.26 7.36
N VAL A 249 6.02 -2.67 6.19
CA VAL A 249 6.09 -4.09 5.79
C VAL A 249 7.03 -4.21 4.59
N LEU A 250 8.32 -4.31 4.89
CA LEU A 250 9.36 -4.49 3.88
C LEU A 250 10.25 -5.66 4.29
N PRO A 251 9.77 -6.89 4.06
CA PRO A 251 10.43 -8.08 4.61
C PRO A 251 11.70 -8.47 3.86
N TYR A 252 12.62 -7.53 3.70
CA TYR A 252 13.83 -7.76 2.94
C TYR A 252 15.06 -7.13 3.60
N PRO A 253 15.73 -7.88 4.49
CA PRO A 253 16.94 -7.40 5.17
C PRO A 253 18.07 -7.04 4.20
N GLU A 254 18.07 -7.62 3.00
CA GLU A 254 19.12 -7.38 2.02
C GLU A 254 19.25 -5.89 1.68
N PHE A 255 18.10 -5.22 1.62
CA PHE A 255 18.06 -3.83 1.16
C PHE A 255 18.52 -2.84 2.22
N ALA A 256 18.88 -3.34 3.40
CA ALA A 256 19.21 -2.47 4.53
C ALA A 256 20.42 -1.58 4.24
N GLU A 257 21.56 -2.19 3.95
CA GLU A 257 22.79 -1.43 3.72
C GLU A 257 22.63 -0.45 2.56
N GLY A 258 21.89 -0.87 1.53
CA GLY A 258 21.63 -0.02 0.39
C GLY A 258 20.79 1.18 0.77
N GLN A 259 19.79 0.96 1.63
CA GLN A 259 18.90 2.03 2.05
C GLN A 259 19.61 2.98 3.01
N LYS A 260 20.47 2.44 3.87
CA LYS A 260 21.27 3.26 4.76
C LYS A 260 22.09 4.27 3.96
N ALA A 261 22.66 3.80 2.85
CA ALA A 261 23.46 4.65 1.99
C ALA A 261 22.61 5.74 1.36
N ARG A 262 21.40 5.37 0.92
CA ARG A 262 20.48 6.34 0.35
C ARG A 262 20.05 7.35 1.40
N ASP A 263 19.79 6.87 2.61
CA ASP A 263 19.41 7.74 3.72
C ASP A 263 20.53 8.73 4.05
N GLN A 264 21.77 8.26 4.01
CA GLN A 264 22.91 9.08 4.42
C GLN A 264 23.14 10.25 3.46
N GLU A 265 22.75 10.09 2.20
CA GLU A 265 22.83 11.18 1.24
C GLU A 265 22.05 12.38 1.72
N VAL A 266 20.84 12.14 2.20
CA VAL A 266 19.95 13.19 2.66
C VAL A 266 20.46 13.81 3.96
N ILE A 267 20.92 12.97 4.88
CA ILE A 267 21.46 13.45 6.15
C ILE A 267 22.68 14.34 5.88
N ASP A 268 23.57 13.87 5.02
CA ASP A 268 24.77 14.62 4.68
C ASP A 268 24.42 15.94 4.01
N ALA A 269 23.37 15.92 3.19
CA ALA A 269 22.90 17.13 2.51
C ALA A 269 22.42 18.15 3.53
N MET A 270 21.65 17.69 4.50
CA MET A 270 21.18 18.55 5.58
C MET A 270 22.34 19.11 6.40
N MET A 271 23.29 18.24 6.72
CA MET A 271 24.39 18.62 7.60
C MET A 271 25.46 19.45 6.88
N SER A 272 25.38 19.51 5.56
CA SER A 272 26.36 20.28 4.79
C SER A 272 26.18 21.78 5.02
N TYR A 273 25.08 22.17 5.67
CA TYR A 273 24.81 23.57 5.99
C TYR A 273 24.96 23.85 7.49
N ALA A 274 25.55 22.91 8.22
CA ALA A 274 25.79 23.10 9.64
C ALA A 274 26.74 24.28 9.91
N ASP A 275 27.51 24.64 8.90
CA ASP A 275 28.50 25.72 8.96
C ASP A 275 27.82 27.08 8.82
N HIS A 276 27.04 27.21 7.75
CA HIS A 276 26.26 28.41 7.41
C HIS A 276 25.73 29.23 8.62
N PRO A 277 25.96 30.57 8.64
CA PRO A 277 25.56 31.40 9.79
C PRO A 277 24.08 31.36 10.18
N ASP A 278 23.16 31.36 9.21
CA ASP A 278 21.73 31.39 9.52
C ASP A 278 21.32 30.21 10.39
N TYR A 279 22.00 29.07 10.23
CA TYR A 279 21.71 27.90 11.05
C TYR A 279 22.10 28.14 12.50
N ALA A 280 23.30 28.67 12.71
CA ALA A 280 23.76 29.01 14.06
C ALA A 280 22.83 30.04 14.69
N ARG A 281 22.27 30.90 13.85
CA ARG A 281 21.31 31.91 14.31
C ARG A 281 20.02 31.26 14.78
N ARG A 282 19.53 30.28 14.01
CA ARG A 282 18.32 29.55 14.39
C ARG A 282 18.55 28.73 15.65
N MET A 283 19.77 28.22 15.81
CA MET A 283 20.13 27.44 17.00
C MET A 283 20.25 28.35 18.22
N LYS A 284 20.70 29.57 18.00
CA LYS A 284 20.79 30.55 19.08
C LYS A 284 19.41 30.85 19.63
N ILE A 285 18.43 30.95 18.72
CA ILE A 285 17.06 31.25 19.10
C ILE A 285 16.43 30.09 19.86
N ARG A 286 16.66 28.87 19.38
CA ARG A 286 16.11 27.68 20.03
C ARG A 286 16.68 27.50 21.44
N GLU A 287 17.99 27.69 21.57
CA GLU A 287 18.66 27.64 22.86
C GLU A 287 17.99 28.59 23.85
N GLN A 288 17.67 29.79 23.40
CA GLN A 288 17.06 30.80 24.26
C GLN A 288 15.61 30.46 24.61
N MET A 289 14.94 29.76 23.71
CA MET A 289 13.52 29.46 23.89
C MET A 289 13.27 28.23 24.75
N LYS A 290 14.32 27.42 24.98
CA LYS A 290 14.20 26.30 25.90
C LYS A 290 14.32 26.82 27.33
N ARG A 291 15.11 27.89 27.48
CA ARG A 291 15.01 28.74 28.66
C ARG A 291 13.71 29.55 28.50
N ASP A 292 13.43 30.44 29.44
CA ASP A 292 12.26 31.32 29.39
C ASP A 292 10.91 30.61 29.58
N MET A 293 10.66 29.52 28.86
CA MET A 293 9.30 28.97 28.74
C MET A 293 9.07 27.62 29.41
N PRO A 294 7.80 27.31 29.73
CA PRO A 294 7.40 26.00 30.27
C PRO A 294 7.63 24.85 29.30
N GLY A 295 8.71 24.09 29.53
CA GLY A 295 9.01 22.93 28.72
C GLY A 295 9.77 23.29 27.46
#